data_4IHZ
#
_entry.id   4IHZ
#
_cell.length_a   114.900
_cell.length_b   46.200
_cell.length_c   71.500
_cell.angle_alpha   90.00
_cell.angle_beta   103.40
_cell.angle_gamma   90.00
#
_symmetry.space_group_name_H-M   'C 1 2 1'
#
loop_
_entity.id
_entity.type
_entity.pdbx_description
1 polymer CrataBL
2 branched beta-D-mannopyranose-(1-4)-2-acetamido-2-deoxy-beta-D-glucopyranose-(1-4)-[alpha-L-fucopyranose-(1-3)]2-acetamido-2-deoxy-beta-D-glucopyranose
3 non-polymer 'SULFATE ION'
4 non-polymer GLYCEROL
5 non-polymer 'CHLORIDE ION'
6 non-polymer 2-acetamido-2-deoxy-beta-D-glucopyranose
7 water water
#
_entity_poly.entity_id   1
_entity_poly.type   'polypeptide(L)'
_entity_poly.pdbx_seq_one_letter_code
;AILTGVPYYILPSTSRAGFSPDNLRKNTSQPSCPLDLITQLRFPPRIGVPVIFTPQNSSLKVVPLSHNLNIHT(CSX)SD
LWFCPESKIWTVKSSSIHRGLVVTTGGTFRSLGSWFRIERHGDSYKLVHCPRGSTPCRDVGIETVGGGGRRYLAPRDRPL
AVRFTRASG
;
_entity_poly.pdbx_strand_id   A,B
#
# COMPACT_ATOMS: atom_id res chain seq x y z
N ALA A 1 -13.07 4.52 -25.48
CA ALA A 1 -11.81 4.94 -24.79
C ALA A 1 -11.66 4.30 -23.40
N ILE A 2 -10.43 4.34 -22.91
CA ILE A 2 -10.09 3.92 -21.56
C ILE A 2 -10.15 5.15 -20.68
N LEU A 3 -10.99 5.11 -19.65
CA LEU A 3 -11.24 6.29 -18.83
C LEU A 3 -10.42 6.27 -17.54
N THR A 4 -9.91 7.43 -17.15
CA THR A 4 -9.19 7.57 -15.90
C THR A 4 -10.10 7.29 -14.72
N GLY A 5 -9.58 6.57 -13.72
CA GLY A 5 -10.30 6.36 -12.45
C GLY A 5 -11.52 5.44 -12.53
N VAL A 6 -11.62 4.72 -13.65
CA VAL A 6 -12.69 3.77 -13.93
C VAL A 6 -12.04 2.38 -13.93
N PRO A 7 -12.65 1.40 -13.23
CA PRO A 7 -12.02 0.10 -13.13
C PRO A 7 -12.22 -0.73 -14.41
N TYR A 8 -11.16 -1.43 -14.80
CA TYR A 8 -11.18 -2.33 -15.96
C TYR A 8 -10.59 -3.67 -15.60
N TYR A 9 -11.17 -4.73 -16.15
CA TYR A 9 -10.48 -6.02 -16.15
C TYR A 9 -9.54 -6.13 -17.32
N ILE A 10 -8.30 -6.50 -17.05
CA ILE A 10 -7.33 -6.82 -18.09
C ILE A 10 -7.52 -8.28 -18.49
N LEU A 11 -7.79 -8.52 -19.77
CA LEU A 11 -8.04 -9.88 -20.22
C LEU A 11 -7.21 -10.16 -21.45
N PRO A 12 -6.73 -11.41 -21.62
CA PRO A 12 -6.12 -11.76 -22.90
C PRO A 12 -7.12 -11.49 -24.03
N SER A 13 -6.58 -11.10 -25.18
CA SER A 13 -7.43 -10.75 -26.30
C SER A 13 -8.32 -11.89 -26.75
N THR A 14 -7.86 -13.14 -26.59
CA THR A 14 -8.65 -14.29 -27.01
C THR A 14 -9.01 -15.31 -25.93
N SER A 15 -9.12 -14.86 -24.69
CA SER A 15 -9.35 -15.75 -23.53
C SER A 15 -10.18 -15.03 -22.49
N ARG A 16 -10.87 -15.78 -21.63
CA ARG A 16 -11.61 -15.21 -20.52
C ARG A 16 -10.82 -15.30 -19.22
N ALA A 17 -9.62 -15.86 -19.26
CA ALA A 17 -8.85 -16.05 -18.02
C ALA A 17 -8.10 -14.75 -17.68
N GLY A 18 -8.65 -13.99 -16.73
CA GLY A 18 -8.02 -12.74 -16.32
C GLY A 18 -7.06 -12.94 -15.16
N PHE A 19 -6.85 -11.88 -14.40
CA PHE A 19 -5.68 -11.79 -13.53
C PHE A 19 -5.99 -11.24 -12.18
N SER A 20 -5.24 -11.72 -11.19
CA SER A 20 -5.42 -11.20 -9.81
C SER A 20 -4.08 -11.14 -9.12
N PRO A 21 -3.84 -10.12 -8.29
CA PRO A 21 -2.74 -10.23 -7.31
C PRO A 21 -2.82 -11.53 -6.53
N ASP A 22 -1.67 -12.19 -6.33
CA ASP A 22 -1.65 -13.43 -5.61
C ASP A 22 -2.24 -13.35 -4.20
N ASN A 23 -2.06 -12.20 -3.52
CA ASN A 23 -2.55 -12.18 -2.12
C ASN A 23 -4.06 -12.34 -2.06
N LEU A 24 -4.74 -11.90 -3.13
CA LEU A 24 -6.20 -12.01 -3.19
C LEU A 24 -6.63 -13.43 -3.48
N ARG A 25 -5.78 -14.22 -4.13
CA ARG A 25 -6.15 -15.62 -4.39
C ARG A 25 -6.09 -16.41 -3.10
N LYS A 26 -5.08 -16.08 -2.29
CA LYS A 26 -4.85 -16.76 -1.01
C LYS A 26 -5.93 -16.36 -0.01
N ASN A 27 -6.34 -15.09 -0.03
CA ASN A 27 -7.46 -14.56 0.78
C ASN A 27 -7.21 -14.69 2.30
N THR A 28 -5.94 -14.65 2.71
CA THR A 28 -5.61 -14.62 4.16
C THR A 28 -4.55 -13.54 4.46
N SER A 29 -4.57 -12.97 5.67
CA SER A 29 -3.58 -11.93 6.05
C SER A 29 -2.16 -12.44 5.94
N GLN A 30 -1.30 -11.58 5.42
CA GLN A 30 0.12 -11.85 5.28
C GLN A 30 0.95 -10.86 6.10
N PRO A 31 2.06 -11.33 6.67
CA PRO A 31 2.94 -10.43 7.45
C PRO A 31 3.66 -9.42 6.58
N SER A 32 3.93 -9.81 5.33
CA SER A 32 4.56 -8.97 4.33
C SER A 32 4.35 -9.70 3.00
N CYS A 33 4.51 -8.97 1.92
CA CYS A 33 4.36 -9.53 0.59
C CYS A 33 5.48 -9.01 -0.29
N PRO A 34 6.67 -9.61 -0.15
CA PRO A 34 7.83 -9.12 -0.88
C PRO A 34 7.71 -9.28 -2.38
N LEU A 35 6.84 -10.19 -2.85
CA LEU A 35 6.72 -10.46 -4.29
C LEU A 35 5.32 -10.90 -4.65
N ASP A 36 4.41 -9.93 -4.65
CA ASP A 36 3.00 -10.24 -4.85
C ASP A 36 2.74 -10.19 -6.35
N LEU A 37 2.84 -11.36 -6.99
CA LEU A 37 2.71 -11.47 -8.44
C LEU A 37 1.30 -11.20 -8.90
N ILE A 38 1.16 -10.95 -10.21
CA ILE A 38 -0.18 -10.83 -10.79
C ILE A 38 -0.34 -12.13 -11.60
N THR A 39 -1.23 -13.00 -11.16
CA THR A 39 -1.32 -14.33 -11.76
C THR A 39 -2.65 -14.55 -12.47
N GLN A 40 -2.66 -15.48 -13.40
CA GLN A 40 -3.81 -15.71 -14.22
C GLN A 40 -4.76 -16.72 -13.59
N LEU A 41 -6.05 -16.41 -13.63
CA LEU A 41 -7.05 -17.31 -13.07
C LEU A 41 -7.55 -18.24 -14.17
N ARG A 42 -6.88 -19.40 -14.29
CA ARG A 42 -7.08 -20.26 -15.47
C ARG A 42 -8.10 -21.38 -15.40
N PHE A 43 -8.20 -22.02 -14.24
CA PHE A 43 -8.94 -23.28 -14.14
C PHE A 43 -9.89 -23.24 -12.96
N PRO A 44 -11.15 -22.82 -13.20
CA PRO A 44 -11.74 -22.41 -14.46
C PRO A 44 -11.36 -20.95 -14.74
N PRO A 45 -11.47 -20.52 -16.01
CA PRO A 45 -11.13 -19.15 -16.33
C PRO A 45 -12.07 -18.21 -15.61
N ARG A 46 -11.48 -17.26 -14.92
CA ARG A 46 -12.27 -16.24 -14.22
C ARG A 46 -11.76 -14.87 -14.58
N ILE A 47 -12.65 -13.90 -14.53
CA ILE A 47 -12.38 -12.58 -15.08
C ILE A 47 -11.33 -11.81 -14.26
N GLY A 48 -11.15 -12.16 -12.98
CA GLY A 48 -10.06 -11.56 -12.21
C GLY A 48 -10.54 -10.40 -11.35
N VAL A 49 -9.61 -9.47 -11.15
CA VAL A 49 -9.83 -8.33 -10.24
C VAL A 49 -9.51 -7.10 -11.08
N PRO A 50 -10.34 -6.06 -11.04
CA PRO A 50 -10.06 -4.93 -11.92
C PRO A 50 -8.89 -4.06 -11.48
N VAL A 51 -8.49 -3.22 -12.40
CA VAL A 51 -7.43 -2.25 -12.14
C VAL A 51 -7.94 -0.83 -12.49
N ILE A 52 -7.20 0.19 -12.02
CA ILE A 52 -7.48 1.56 -12.37
C ILE A 52 -6.18 2.11 -12.95
N PHE A 53 -6.30 2.88 -14.03
CA PHE A 53 -5.17 3.54 -14.68
C PHE A 53 -5.14 5.00 -14.31
N THR A 54 -3.97 5.45 -13.88
CA THR A 54 -3.79 6.86 -13.53
C THR A 54 -2.69 7.41 -14.41
N PRO A 55 -3.08 8.22 -15.43
CA PRO A 55 -2.02 8.81 -16.27
C PRO A 55 -1.13 9.77 -15.47
N GLN A 56 0.09 9.94 -15.95
CA GLN A 56 1.05 10.86 -15.35
C GLN A 56 0.51 12.31 -15.28
N ASN A 57 -0.26 12.72 -16.28
CA ASN A 57 -1.11 13.90 -16.10
C ASN A 57 -2.46 13.42 -15.52
N SER A 58 -2.56 13.40 -14.19
CA SER A 58 -3.70 12.75 -13.52
C SER A 58 -5.02 13.51 -13.68
N SER A 59 -4.96 14.70 -14.28
CA SER A 59 -6.12 15.53 -14.60
C SER A 59 -6.84 15.17 -15.91
N LEU A 60 -6.21 14.34 -16.76
CA LEU A 60 -6.83 13.85 -17.99
C LEU A 60 -8.00 12.90 -17.66
N LYS A 61 -9.09 13.00 -18.42
CA LYS A 61 -10.25 12.11 -18.19
C LYS A 61 -10.19 10.82 -19.03
N VAL A 62 -9.49 10.89 -20.16
CA VAL A 62 -9.21 9.74 -21.01
C VAL A 62 -7.75 9.37 -20.83
N VAL A 63 -7.51 8.08 -20.63
CA VAL A 63 -6.16 7.56 -20.54
C VAL A 63 -5.48 7.57 -21.92
N PRO A 64 -4.36 8.32 -22.07
CA PRO A 64 -3.72 8.32 -23.38
C PRO A 64 -2.91 7.06 -23.59
N LEU A 65 -2.87 6.58 -24.83
CA LEU A 65 -2.03 5.46 -25.18
C LEU A 65 -0.60 5.96 -25.27
N SER A 66 0.34 5.04 -25.11
CA SER A 66 1.75 5.33 -25.30
C SER A 66 2.26 6.45 -24.40
N HIS A 67 1.71 6.50 -23.17
CA HIS A 67 1.97 7.59 -22.22
C HIS A 67 2.04 7.01 -20.81
N ASN A 68 3.05 7.41 -20.04
CA ASN A 68 3.24 6.90 -18.66
C ASN A 68 1.97 6.93 -17.84
N LEU A 69 1.68 5.82 -17.17
CA LEU A 69 0.59 5.77 -16.22
C LEU A 69 0.96 4.83 -15.06
N ASN A 70 0.24 4.96 -13.97
CA ASN A 70 0.31 3.98 -12.90
C ASN A 70 -0.90 3.08 -13.03
N ILE A 71 -0.77 1.88 -12.49
CA ILE A 71 -1.84 0.90 -12.46
C ILE A 71 -1.97 0.50 -11.01
N HIS A 72 -3.20 0.41 -10.53
CA HIS A 72 -3.41 -0.20 -9.23
C HIS A 72 -4.59 -1.11 -9.23
N THR A 73 -4.53 -2.10 -8.36
CA THR A 73 -5.66 -3.05 -8.23
C THR A 73 -6.82 -2.37 -7.51
N SER A 75 -9.69 -3.14 -5.25
CA SER A 75 -10.17 -4.18 -4.35
C SER A 75 -10.31 -3.57 -2.96
N ASP A 76 -11.44 -3.81 -2.32
CA ASP A 76 -11.58 -3.42 -0.91
C ASP A 76 -10.91 -4.36 0.04
N LEU A 77 -10.75 -5.63 -0.36
CA LEU A 77 -9.96 -6.58 0.43
C LEU A 77 -8.49 -6.44 0.01
N TRP A 78 -7.60 -6.47 1.00
CA TRP A 78 -6.15 -6.47 0.66
C TRP A 78 -5.43 -7.10 1.83
N PHE A 79 -4.65 -8.13 1.55
CA PHE A 79 -4.08 -8.95 2.61
C PHE A 79 -2.60 -8.68 2.83
N CYS A 80 -2.08 -7.69 2.14
CA CYS A 80 -0.66 -7.32 2.27
C CYS A 80 -0.58 -5.99 3.00
N PRO A 81 0.54 -5.76 3.70
CA PRO A 81 0.73 -4.42 4.24
C PRO A 81 1.11 -3.41 3.17
N GLU A 82 1.70 -3.89 2.08
CA GLU A 82 2.17 -3.00 1.01
C GLU A 82 1.00 -2.55 0.09
N SER A 83 1.29 -1.63 -0.82
CA SER A 83 0.23 -0.99 -1.61
C SER A 83 -0.39 -1.96 -2.65
N LYS A 84 -1.43 -1.46 -3.31
CA LYS A 84 -2.06 -2.14 -4.46
C LYS A 84 -1.49 -1.69 -5.79
N ILE A 85 -0.45 -0.87 -5.74
CA ILE A 85 0.06 -0.22 -6.95
C ILE A 85 1.06 -1.15 -7.64
N TRP A 86 0.92 -1.28 -8.96
CA TRP A 86 1.81 -2.17 -9.69
C TRP A 86 3.21 -1.61 -9.91
N THR A 87 4.19 -2.50 -9.94
CA THR A 87 5.57 -2.11 -10.18
C THR A 87 6.25 -3.35 -10.77
N VAL A 88 7.57 -3.30 -10.88
CA VAL A 88 8.31 -4.47 -11.32
C VAL A 88 9.42 -4.74 -10.35
N LYS A 89 9.67 -6.02 -10.06
CA LYS A 89 10.74 -6.42 -9.16
C LYS A 89 11.54 -7.53 -9.79
N SER A 90 12.79 -7.66 -9.37
CA SER A 90 13.63 -8.76 -9.84
C SER A 90 13.38 -9.97 -8.93
N SER A 91 13.34 -11.17 -9.52
CA SER A 91 13.13 -12.41 -8.76
C SER A 91 13.97 -13.55 -9.31
N SER A 92 14.95 -14.03 -8.55
CA SER A 92 15.78 -15.12 -9.11
C SER A 92 14.96 -16.42 -9.26
N ILE A 93 14.01 -16.62 -8.34
CA ILE A 93 13.12 -17.79 -8.36
C ILE A 93 12.33 -17.83 -9.67
N HIS A 94 12.00 -16.64 -10.18
CA HIS A 94 11.23 -16.52 -11.41
C HIS A 94 12.10 -16.19 -12.60
N ARG A 95 13.42 -16.32 -12.45
CA ARG A 95 14.39 -16.05 -13.51
C ARG A 95 14.26 -14.69 -14.21
N GLY A 96 13.93 -13.66 -13.44
CA GLY A 96 14.06 -12.31 -13.96
C GLY A 96 13.03 -11.36 -13.39
N LEU A 97 12.72 -10.34 -14.16
CA LEU A 97 11.79 -9.31 -13.71
C LEU A 97 10.40 -9.87 -13.74
N VAL A 98 9.61 -9.42 -12.79
CA VAL A 98 8.18 -9.79 -12.66
C VAL A 98 7.37 -8.56 -12.30
N VAL A 99 6.13 -8.57 -12.76
CA VAL A 99 5.15 -7.54 -12.28
C VAL A 99 4.75 -7.91 -10.88
N THR A 100 4.68 -6.91 -9.99
CA THR A 100 4.13 -7.17 -8.63
C THR A 100 3.28 -6.01 -8.20
N THR A 101 2.58 -6.21 -7.10
CA THR A 101 1.98 -5.05 -6.47
C THR A 101 3.00 -4.48 -5.46
N GLY A 102 2.59 -3.52 -4.63
CA GLY A 102 3.46 -3.04 -3.58
C GLY A 102 4.33 -1.86 -4.04
N GLY A 103 4.00 -1.29 -5.19
CA GLY A 103 4.67 -0.10 -5.70
C GLY A 103 4.27 1.19 -5.01
N THR A 104 4.76 2.30 -5.58
CA THR A 104 4.50 3.63 -5.01
C THR A 104 4.04 4.53 -6.16
N PHE A 105 2.96 5.29 -5.97
CA PHE A 105 2.50 6.18 -7.05
C PHE A 105 3.62 7.15 -7.47
N ARG A 106 3.78 7.28 -8.79
CA ARG A 106 4.66 8.26 -9.42
C ARG A 106 6.14 8.01 -9.15
N SER A 107 6.46 6.83 -8.60
CA SER A 107 7.85 6.45 -8.38
C SER A 107 8.52 6.04 -9.69
N LEU A 108 9.84 6.06 -9.68
CA LEU A 108 10.59 5.71 -10.90
C LEU A 108 10.24 4.36 -11.49
N GLY A 109 9.88 3.41 -10.60
CA GLY A 109 9.67 2.04 -11.01
C GLY A 109 8.21 1.74 -11.28
N SER A 110 7.35 2.76 -11.21
CA SER A 110 5.87 2.61 -11.23
C SER A 110 5.23 2.73 -12.61
N TRP A 111 6.01 3.10 -13.62
CA TRP A 111 5.42 3.53 -14.87
C TRP A 111 5.20 2.41 -15.88
N PHE A 112 3.95 2.29 -16.29
CA PHE A 112 3.57 1.40 -17.40
C PHE A 112 2.96 2.24 -18.50
N ARG A 113 2.75 1.63 -19.67
CA ARG A 113 1.95 2.27 -20.69
C ARG A 113 1.06 1.23 -21.33
N ILE A 114 -0.04 1.71 -21.91
CA ILE A 114 -0.91 0.88 -22.76
C ILE A 114 -0.57 1.25 -24.20
N GLU A 115 -0.18 0.26 -24.99
CA GLU A 115 0.15 0.52 -26.41
C GLU A 115 -0.69 -0.33 -27.31
N ARG A 116 -0.98 0.18 -28.51
CA ARG A 116 -1.68 -0.68 -29.47
C ARG A 116 -0.79 -1.82 -29.93
N HIS A 117 -1.41 -2.97 -30.16
CA HIS A 117 -0.70 -4.17 -30.55
C HIS A 117 -1.67 -4.91 -31.43
N GLY A 118 -1.43 -4.88 -32.75
CA GLY A 118 -2.44 -5.43 -33.65
C GLY A 118 -3.75 -4.69 -33.48
N ASP A 119 -4.86 -5.42 -33.42
CA ASP A 119 -6.16 -4.76 -33.22
C ASP A 119 -6.50 -4.71 -31.75
N SER A 120 -5.53 -5.10 -30.93
CA SER A 120 -5.75 -5.04 -29.47
C SER A 120 -4.69 -4.16 -28.82
N TYR A 121 -4.36 -4.46 -27.57
CA TYR A 121 -3.42 -3.64 -26.82
C TYR A 121 -2.36 -4.52 -26.22
N LYS A 122 -1.32 -3.89 -25.70
CA LYS A 122 -0.39 -4.56 -24.82
C LYS A 122 -0.02 -3.61 -23.69
N LEU A 123 0.37 -4.19 -22.56
CA LEU A 123 0.99 -3.42 -21.49
C LEU A 123 2.49 -3.47 -21.64
N VAL A 124 3.14 -2.33 -21.33
CA VAL A 124 4.60 -2.29 -21.31
C VAL A 124 4.99 -1.66 -19.98
N HIS A 125 6.19 -1.96 -19.52
CA HIS A 125 6.69 -1.29 -18.32
C HIS A 125 7.87 -0.46 -18.76
N CYS A 126 8.00 0.74 -18.21
CA CYS A 126 8.99 1.70 -18.73
C CYS A 126 9.88 2.09 -17.59
N PRO A 127 11.07 1.46 -17.53
CA PRO A 127 12.00 1.86 -16.49
C PRO A 127 12.20 3.39 -16.49
N ARG A 128 12.07 3.98 -15.30
CA ARG A 128 12.17 5.42 -15.09
C ARG A 128 11.15 6.30 -15.83
N GLY A 129 10.08 5.69 -16.31
CA GLY A 129 9.05 6.43 -17.06
C GLY A 129 9.55 6.90 -18.42
N SER A 130 10.55 6.20 -18.95
CA SER A 130 11.11 6.55 -20.23
C SER A 130 11.20 5.34 -21.14
N THR A 131 11.26 5.62 -22.44
CA THR A 131 11.48 4.57 -23.40
C THR A 131 12.97 4.24 -23.43
N PRO A 132 13.33 3.05 -23.91
CA PRO A 132 12.48 1.95 -24.41
C PRO A 132 11.78 1.29 -23.25
N CYS A 133 10.64 0.69 -23.54
CA CYS A 133 9.88 0.02 -22.51
C CYS A 133 9.96 -1.49 -22.80
N ARG A 134 9.61 -2.31 -21.81
CA ARG A 134 9.61 -3.74 -21.99
C ARG A 134 8.19 -4.25 -22.06
N ASP A 135 7.90 -5.08 -23.04
CA ASP A 135 6.54 -5.63 -23.20
C ASP A 135 6.24 -6.57 -22.05
N VAL A 136 5.02 -6.47 -21.52
CA VAL A 136 4.58 -7.38 -20.46
C VAL A 136 3.87 -8.56 -21.08
N GLY A 137 4.33 -9.75 -20.71
CA GLY A 137 3.77 -10.99 -21.19
C GLY A 137 3.53 -11.96 -20.07
N ILE A 138 3.17 -13.19 -20.43
CA ILE A 138 2.86 -14.22 -19.45
C ILE A 138 4.06 -15.20 -19.36
N GLU A 139 4.39 -15.58 -18.12
CA GLU A 139 5.47 -16.55 -17.88
C GLU A 139 5.04 -17.61 -16.91
N THR A 140 5.75 -18.72 -16.87
CA THR A 140 5.46 -19.79 -15.92
C THR A 140 6.68 -20.19 -15.12
N VAL A 141 7.88 -19.82 -15.59
CA VAL A 141 9.08 -20.33 -14.91
C VAL A 141 9.12 -19.91 -13.44
N GLY A 142 9.24 -20.89 -12.54
CA GLY A 142 9.25 -20.66 -11.09
C GLY A 142 7.89 -20.37 -10.49
N GLY A 143 6.85 -20.52 -11.30
CA GLY A 143 5.50 -20.12 -10.92
C GLY A 143 4.68 -21.14 -10.15
N GLY A 144 5.23 -22.34 -9.95
CA GLY A 144 4.58 -23.36 -9.12
C GLY A 144 3.26 -23.83 -9.70
N GLY A 145 3.11 -23.74 -11.01
CA GLY A 145 1.87 -24.19 -11.65
C GLY A 145 0.93 -23.05 -12.00
N ARG A 146 1.34 -21.83 -11.70
CA ARG A 146 0.58 -20.63 -12.08
C ARG A 146 1.33 -19.81 -13.13
N ARG A 147 0.57 -19.03 -13.88
CA ARG A 147 1.15 -18.10 -14.85
C ARG A 147 1.11 -16.72 -14.32
N TYR A 148 2.16 -15.96 -14.55
CA TYR A 148 2.28 -14.62 -13.95
C TYR A 148 2.72 -13.63 -15.01
N LEU A 149 2.42 -12.36 -14.79
CA LEU A 149 2.82 -11.28 -15.70
C LEU A 149 4.27 -10.85 -15.44
N ALA A 150 5.01 -10.62 -16.53
CA ALA A 150 6.44 -10.25 -16.43
C ALA A 150 6.84 -9.41 -17.63
N PRO A 151 7.72 -8.43 -17.41
CA PRO A 151 8.12 -7.57 -18.53
C PRO A 151 9.33 -8.15 -19.25
N ARG A 152 9.07 -9.07 -20.17
CA ARG A 152 10.17 -9.78 -20.82
C ARG A 152 10.11 -9.71 -22.32
N ASP A 153 9.57 -8.59 -22.80
CA ASP A 153 9.52 -8.26 -24.23
C ASP A 153 8.86 -9.26 -25.19
N ARG A 154 7.99 -10.12 -24.65
CA ARG A 154 7.08 -10.99 -25.44
C ARG A 154 5.64 -10.61 -25.11
N PRO A 155 5.04 -9.73 -25.91
CA PRO A 155 3.82 -9.13 -25.37
C PRO A 155 2.63 -10.07 -25.34
N LEU A 156 1.86 -9.96 -24.27
CA LEU A 156 0.53 -10.57 -24.22
C LEU A 156 -0.47 -9.59 -24.83
N ALA A 157 -1.17 -9.99 -25.89
CA ALA A 157 -2.27 -9.15 -26.39
C ALA A 157 -3.43 -9.12 -25.40
N VAL A 158 -3.86 -7.92 -25.06
CA VAL A 158 -4.93 -7.76 -24.09
C VAL A 158 -6.00 -6.82 -24.56
N ARG A 159 -7.15 -6.96 -23.90
CA ARG A 159 -8.30 -6.10 -24.06
C ARG A 159 -8.73 -5.68 -22.66
N PHE A 160 -9.61 -4.70 -22.59
CA PHE A 160 -10.00 -4.14 -21.31
C PHE A 160 -11.51 -4.12 -21.24
N THR A 161 -12.05 -4.75 -20.22
CA THR A 161 -13.49 -4.77 -20.02
C THR A 161 -13.82 -3.87 -18.84
N ARG A 162 -14.67 -2.87 -19.05
CA ARG A 162 -15.05 -1.98 -17.96
C ARG A 162 -15.80 -2.79 -16.92
N ALA A 163 -15.42 -2.63 -15.65
CA ALA A 163 -16.09 -3.32 -14.54
C ALA A 163 -17.21 -2.47 -14.06
N SER A 164 -18.33 -3.11 -13.73
CA SER A 164 -19.45 -2.39 -13.24
C SER A 164 -20.19 -3.26 -12.21
N ALA B 1 7.92 -7.04 26.15
CA ALA B 1 6.57 -7.68 26.10
C ALA B 1 5.77 -7.28 24.86
N ILE B 2 6.30 -6.32 24.09
CA ILE B 2 5.76 -6.06 22.74
C ILE B 2 6.43 -7.00 21.72
N LEU B 3 5.63 -7.81 21.04
CA LEU B 3 6.18 -8.83 20.14
C LEU B 3 6.14 -8.42 18.68
N THR B 4 7.26 -8.62 17.99
CA THR B 4 7.35 -8.35 16.55
C THR B 4 6.26 -9.14 15.81
N GLY B 5 5.61 -8.48 14.83
CA GLY B 5 4.67 -9.16 13.96
C GLY B 5 3.29 -9.43 14.56
N VAL B 6 3.10 -9.08 15.84
CA VAL B 6 1.84 -9.38 16.54
C VAL B 6 0.98 -8.14 16.55
N PRO B 7 -0.34 -8.26 16.30
CA PRO B 7 -1.10 -7.02 16.27
C PRO B 7 -1.44 -6.50 17.64
N TYR B 8 -1.36 -5.17 17.78
CA TYR B 8 -1.75 -4.47 19.00
C TYR B 8 -2.63 -3.31 18.69
N TYR B 9 -3.56 -3.02 19.59
CA TYR B 9 -4.22 -1.74 19.55
C TYR B 9 -3.36 -0.71 20.30
N ILE B 10 -3.22 0.47 19.70
CA ILE B 10 -2.64 1.59 20.38
C ILE B 10 -3.77 2.39 21.03
N LEU B 11 -3.70 2.55 22.36
CA LEU B 11 -4.74 3.30 23.09
C LEU B 11 -4.07 4.37 23.95
N PRO B 12 -4.74 5.52 24.17
CA PRO B 12 -4.20 6.45 25.17
C PRO B 12 -4.10 5.73 26.52
N SER B 13 -3.10 6.07 27.31
CA SER B 13 -2.89 5.41 28.61
C SER B 13 -4.12 5.40 29.50
N THR B 14 -4.94 6.45 29.44
CA THR B 14 -6.08 6.57 30.39
C THR B 14 -7.46 6.49 29.74
N SER B 15 -7.48 6.16 28.45
CA SER B 15 -8.71 6.22 27.68
C SER B 15 -8.98 4.93 26.92
N ARG B 16 -10.27 4.72 26.59
CA ARG B 16 -10.70 3.66 25.69
C ARG B 16 -10.83 4.10 24.22
N ALA B 17 -10.56 5.38 23.97
CA ALA B 17 -10.72 5.97 22.63
C ALA B 17 -9.48 5.68 21.77
N GLY B 18 -9.58 4.67 20.94
CA GLY B 18 -8.48 4.22 20.09
C GLY B 18 -8.45 4.93 18.75
N PHE B 19 -7.74 4.32 17.80
CA PHE B 19 -7.35 5.03 16.55
C PHE B 19 -7.58 4.20 15.31
N SER B 20 -7.91 4.89 14.22
CA SER B 20 -8.09 4.23 12.94
C SER B 20 -7.58 5.12 11.83
N PRO B 21 -7.00 4.51 10.79
CA PRO B 21 -6.79 5.27 9.56
C PRO B 21 -8.11 5.83 9.07
N ASP B 22 -8.06 7.04 8.53
CA ASP B 22 -9.26 7.72 8.00
C ASP B 22 -10.00 6.86 6.99
N ASN B 23 -9.26 6.21 6.09
CA ASN B 23 -9.97 5.49 5.03
C ASN B 23 -10.88 4.38 5.54
N LEU B 24 -10.50 3.72 6.63
CA LEU B 24 -11.30 2.65 7.22
C LEU B 24 -12.56 3.21 7.92
N ARG B 25 -12.46 4.44 8.38
CA ARG B 25 -13.63 5.10 9.00
C ARG B 25 -14.70 5.43 8.00
N LYS B 26 -14.27 5.82 6.81
CA LYS B 26 -15.15 6.36 5.78
C LYS B 26 -15.79 5.29 4.90
N ASN B 27 -15.30 4.05 5.01
CA ASN B 27 -15.94 2.88 4.40
C ASN B 27 -16.04 2.93 2.87
N THR B 28 -15.31 3.84 2.24
CA THR B 28 -15.49 4.11 0.81
C THR B 28 -14.19 4.01 0.05
N SER B 29 -14.20 3.20 -1.00
CA SER B 29 -13.08 3.11 -1.90
C SER B 29 -12.76 4.50 -2.48
N GLN B 30 -11.49 4.87 -2.53
CA GLN B 30 -11.10 6.08 -3.28
C GLN B 30 -9.92 5.86 -4.21
N PRO B 31 -9.78 6.71 -5.25
CA PRO B 31 -8.72 6.42 -6.22
C PRO B 31 -7.33 6.86 -5.76
N SER B 32 -7.29 7.64 -4.68
CA SER B 32 -6.04 8.00 -4.02
C SER B 32 -6.35 8.49 -2.62
N CYS B 33 -5.35 8.39 -1.76
CA CYS B 33 -5.48 8.83 -0.38
C CYS B 33 -4.21 9.61 -0.05
N PRO B 34 -4.18 10.89 -0.43
CA PRO B 34 -2.93 11.64 -0.29
C PRO B 34 -2.59 11.95 1.16
N LEU B 35 -3.56 11.88 2.07
CA LEU B 35 -3.30 12.22 3.46
C LEU B 35 -4.23 11.40 4.35
N ASP B 36 -3.91 10.13 4.46
CA ASP B 36 -4.74 9.23 5.23
C ASP B 36 -4.32 9.27 6.69
N LEU B 37 -4.95 10.14 7.44
CA LEU B 37 -4.60 10.41 8.83
C LEU B 37 -4.99 9.26 9.74
N ILE B 38 -4.39 9.25 10.94
CA ILE B 38 -4.75 8.29 11.96
C ILE B 38 -5.54 9.10 12.98
N THR B 39 -6.81 8.79 13.09
CA THR B 39 -7.68 9.64 13.87
C THR B 39 -8.30 8.89 15.05
N GLN B 40 -8.65 9.60 16.10
CA GLN B 40 -9.22 8.99 17.29
C GLN B 40 -10.71 8.76 17.16
N LEU B 41 -11.15 7.64 17.72
CA LEU B 41 -12.56 7.23 17.70
C LEU B 41 -13.18 7.54 19.06
N ARG B 42 -13.93 8.64 19.12
CA ARG B 42 -14.31 9.26 20.42
C ARG B 42 -15.76 9.18 20.79
N PHE B 43 -16.64 9.20 19.79
CA PHE B 43 -18.09 9.28 20.05
C PHE B 43 -18.87 8.11 19.43
N PRO B 44 -18.98 6.98 20.17
CA PRO B 44 -18.46 6.73 21.52
C PRO B 44 -16.99 6.26 21.40
N PRO B 45 -16.29 6.11 22.54
CA PRO B 45 -14.92 5.57 22.44
C PRO B 45 -14.92 4.14 21.91
N ARG B 46 -14.06 3.88 20.90
CA ARG B 46 -14.00 2.60 20.23
C ARG B 46 -12.55 2.20 20.15
N ILE B 47 -12.28 0.91 20.18
CA ILE B 47 -10.92 0.39 20.30
C ILE B 47 -10.04 0.67 19.07
N GLY B 48 -10.66 0.80 17.91
CA GLY B 48 -9.92 1.16 16.70
C GLY B 48 -9.42 -0.06 15.94
N VAL B 49 -8.31 0.13 15.23
CA VAL B 49 -7.78 -0.89 14.33
C VAL B 49 -6.35 -1.16 14.76
N PRO B 50 -5.95 -2.45 14.84
CA PRO B 50 -4.63 -2.75 15.36
C PRO B 50 -3.52 -2.43 14.38
N VAL B 51 -2.31 -2.35 14.93
CA VAL B 51 -1.08 -2.19 14.15
C VAL B 51 -0.10 -3.30 14.46
N ILE B 52 0.87 -3.46 13.58
CA ILE B 52 1.99 -4.36 13.78
C ILE B 52 3.31 -3.59 13.72
N PHE B 53 4.22 -3.92 14.64
CA PHE B 53 5.53 -3.30 14.71
C PHE B 53 6.57 -4.23 14.13
N THR B 54 7.40 -3.67 13.26
CA THR B 54 8.48 -4.46 12.63
C THR B 54 9.81 -3.77 12.88
N PRO B 55 10.62 -4.30 13.79
CA PRO B 55 11.91 -3.66 14.05
C PRO B 55 12.82 -3.62 12.82
N GLN B 56 13.65 -2.57 12.73
CA GLN B 56 14.62 -2.46 11.67
C GLN B 56 15.52 -3.68 11.70
N ASN B 57 15.83 -4.15 12.90
CA ASN B 57 16.59 -5.39 13.05
C ASN B 57 15.64 -6.58 12.88
N SER B 58 15.81 -7.31 11.79
CA SER B 58 14.87 -8.36 11.36
C SER B 58 14.87 -9.64 12.21
N SER B 59 15.94 -9.85 12.98
CA SER B 59 16.05 -11.08 13.76
C SER B 59 15.26 -11.00 15.06
N LEU B 60 14.89 -9.79 15.46
CA LEU B 60 14.27 -9.55 16.76
C LEU B 60 12.81 -10.04 16.89
N LYS B 61 12.58 -10.94 17.86
CA LYS B 61 11.22 -11.42 18.21
C LYS B 61 10.49 -10.46 19.16
N VAL B 62 11.26 -9.78 20.01
CA VAL B 62 10.70 -8.77 20.91
C VAL B 62 11.08 -7.39 20.38
N VAL B 63 10.10 -6.49 20.35
CA VAL B 63 10.32 -5.12 19.92
C VAL B 63 11.07 -4.36 21.02
N PRO B 64 12.30 -3.87 20.71
CA PRO B 64 13.06 -3.17 21.72
C PRO B 64 12.62 -1.72 21.74
N LEU B 65 12.75 -1.11 22.91
CA LEU B 65 12.49 0.31 23.05
C LEU B 65 13.63 1.09 22.42
N SER B 66 13.35 2.30 21.94
CA SER B 66 14.38 3.23 21.47
C SER B 66 15.12 2.76 20.22
N HIS B 67 14.43 1.97 19.40
CA HIS B 67 15.03 1.40 18.21
C HIS B 67 14.08 1.49 17.03
N ASN B 68 14.64 1.84 15.87
CA ASN B 68 13.88 2.05 14.64
C ASN B 68 12.96 0.91 14.34
N LEU B 69 11.70 1.24 14.07
CA LEU B 69 10.77 0.22 13.60
C LEU B 69 9.79 0.79 12.59
N ASN B 70 9.18 -0.09 11.82
CA ASN B 70 8.03 0.29 11.03
C ASN B 70 6.73 -0.09 11.72
N ILE B 71 5.68 0.68 11.47
CA ILE B 71 4.36 0.37 11.97
C ILE B 71 3.48 0.21 10.74
N HIS B 72 2.60 -0.78 10.76
CA HIS B 72 1.58 -0.82 9.71
C HIS B 72 0.23 -1.25 10.29
N THR B 73 -0.83 -0.74 9.70
CA THR B 73 -2.17 -1.13 10.10
C THR B 73 -2.46 -2.57 9.70
N SER B 75 -5.29 -4.88 8.79
CA SER B 75 -6.68 -4.85 8.36
C SER B 75 -6.78 -5.58 7.04
N ASP B 76 -7.75 -6.48 6.94
CA ASP B 76 -8.01 -7.16 5.66
C ASP B 76 -8.78 -6.27 4.71
N LEU B 77 -9.45 -5.24 5.23
CA LEU B 77 -10.10 -4.21 4.38
C LEU B 77 -9.17 -3.03 4.20
N TRP B 78 -9.20 -2.44 3.01
CA TRP B 78 -8.36 -1.27 2.78
C TRP B 78 -8.90 -0.52 1.61
N PHE B 79 -9.28 0.74 1.83
CA PHE B 79 -9.99 1.52 0.81
C PHE B 79 -9.11 2.53 0.05
N CYS B 80 -7.81 2.47 0.24
CA CYS B 80 -6.86 3.30 -0.50
C CYS B 80 -6.01 2.42 -1.40
N PRO B 81 -5.46 2.98 -2.46
CA PRO B 81 -4.48 2.19 -3.25
C PRO B 81 -3.13 2.11 -2.57
N GLU B 82 -2.83 3.09 -1.71
CA GLU B 82 -1.50 3.14 -1.09
C GLU B 82 -1.40 2.11 0.05
N SER B 83 -0.20 1.97 0.61
CA SER B 83 0.06 0.92 1.63
C SER B 83 -0.60 1.23 2.97
N LYS B 84 -0.49 0.25 3.86
CA LYS B 84 -0.99 0.37 5.24
C LYS B 84 0.14 0.83 6.18
N ILE B 85 1.29 1.17 5.61
CA ILE B 85 2.49 1.41 6.39
C ILE B 85 2.50 2.86 6.84
N TRP B 86 2.79 3.09 8.11
CA TRP B 86 2.75 4.45 8.62
C TRP B 86 4.01 5.22 8.21
N THR B 87 3.80 6.53 8.04
CA THR B 87 4.86 7.47 7.68
C THR B 87 4.42 8.86 8.17
N VAL B 88 5.16 9.89 7.79
CA VAL B 88 4.80 11.25 8.18
C VAL B 88 4.77 12.06 6.91
N LYS B 89 3.78 12.95 6.78
CA LYS B 89 3.70 13.85 5.63
C LYS B 89 3.45 15.24 6.15
N SER B 90 3.82 16.26 5.37
CA SER B 90 3.47 17.64 5.71
C SER B 90 2.09 17.99 5.15
N SER B 91 1.28 18.68 5.97
CA SER B 91 -0.02 19.13 5.50
C SER B 91 -0.22 20.60 5.86
N SER B 92 -0.36 21.44 4.83
CA SER B 92 -0.66 22.85 5.07
C SER B 92 -1.91 23.06 5.92
N ILE B 93 -3.02 22.41 5.58
CA ILE B 93 -4.28 22.63 6.32
C ILE B 93 -4.27 22.13 7.75
N HIS B 94 -3.45 21.11 8.01
CA HIS B 94 -3.31 20.59 9.36
C HIS B 94 -2.14 21.23 10.07
N ARG B 95 -1.59 22.28 9.46
CA ARG B 95 -0.61 23.14 10.10
C ARG B 95 0.67 22.37 10.47
N GLY B 96 1.04 21.41 9.64
CA GLY B 96 2.37 20.83 9.66
C GLY B 96 2.39 19.32 9.49
N LEU B 97 3.33 18.67 10.16
CA LEU B 97 3.55 17.23 9.96
C LEU B 97 2.43 16.44 10.60
N VAL B 98 2.03 15.37 9.93
CA VAL B 98 0.97 14.50 10.44
C VAL B 98 1.39 13.07 10.19
N VAL B 99 0.92 12.17 11.04
CA VAL B 99 1.10 10.74 10.76
C VAL B 99 0.11 10.33 9.69
N THR B 100 0.55 9.47 8.76
CA THR B 100 -0.40 8.98 7.74
C THR B 100 -0.05 7.56 7.43
N THR B 101 -0.96 6.89 6.74
CA THR B 101 -0.56 5.62 6.14
C THR B 101 0.05 5.89 4.75
N GLY B 102 0.31 4.84 3.95
CA GLY B 102 0.79 5.02 2.59
C GLY B 102 2.30 5.05 2.47
N GLY B 103 3.01 4.69 3.54
CA GLY B 103 4.46 4.63 3.56
C GLY B 103 5.06 3.42 2.86
N THR B 104 6.35 3.29 3.03
CA THR B 104 7.09 2.22 2.38
C THR B 104 7.96 1.56 3.44
N PHE B 105 7.95 0.23 3.47
CA PHE B 105 8.76 -0.46 4.46
C PHE B 105 10.24 -0.08 4.30
N ARG B 106 10.88 0.19 5.44
CA ARG B 106 12.31 0.48 5.55
C ARG B 106 12.74 1.75 4.82
N SER B 107 11.79 2.58 4.45
CA SER B 107 12.12 3.85 3.78
C SER B 107 12.64 4.85 4.80
N LEU B 108 13.39 5.83 4.31
CA LEU B 108 13.94 6.89 5.19
C LEU B 108 12.91 7.60 6.08
N GLY B 109 11.67 7.75 5.61
CA GLY B 109 10.63 8.48 6.33
C GLY B 109 9.67 7.62 7.13
N SER B 110 9.96 6.33 7.21
CA SER B 110 9.09 5.28 7.76
C SER B 110 9.38 4.93 9.22
N TRP B 111 10.41 5.53 9.81
CA TRP B 111 10.95 5.05 11.06
C TRP B 111 10.32 5.71 12.28
N PHE B 112 9.77 4.87 13.15
CA PHE B 112 9.24 5.27 14.45
C PHE B 112 10.02 4.54 15.52
N ARG B 113 9.88 4.99 16.77
CA ARG B 113 10.39 4.22 17.90
C ARG B 113 9.35 4.22 18.99
N ILE B 114 9.36 3.22 19.86
CA ILE B 114 8.56 3.20 21.09
C ILE B 114 9.51 3.54 22.25
N GLU B 115 9.08 4.49 23.07
CA GLU B 115 9.86 4.93 24.24
C GLU B 115 9.03 4.82 25.51
N ARG B 116 9.68 4.77 26.67
CA ARG B 116 8.94 4.83 27.95
C ARG B 116 8.40 6.24 28.19
N HIS B 117 7.20 6.34 28.77
CA HIS B 117 6.60 7.61 29.16
C HIS B 117 5.90 7.38 30.49
N GLY B 118 6.61 7.64 31.57
CA GLY B 118 6.13 7.38 32.95
C GLY B 118 5.90 5.89 33.16
N ASP B 119 4.65 5.55 33.45
CA ASP B 119 4.29 4.16 33.59
C ASP B 119 3.76 3.60 32.30
N SER B 120 3.82 4.41 31.24
CA SER B 120 3.32 4.01 29.93
C SER B 120 4.43 4.11 28.87
N TYR B 121 4.00 4.30 27.63
CA TYR B 121 4.89 4.43 26.49
C TYR B 121 4.50 5.67 25.70
N LYS B 122 5.38 6.05 24.77
CA LYS B 122 5.02 7.02 23.74
C LYS B 122 5.63 6.57 22.43
N LEU B 123 5.05 7.06 21.34
CA LEU B 123 5.62 6.82 20.01
C LEU B 123 6.36 8.08 19.62
N VAL B 124 7.51 7.89 18.95
CA VAL B 124 8.21 9.00 18.33
C VAL B 124 8.47 8.69 16.89
N HIS B 125 8.66 9.72 16.09
CA HIS B 125 9.02 9.48 14.69
C HIS B 125 10.43 9.99 14.50
N CYS B 126 11.25 9.24 13.77
CA CYS B 126 12.65 9.62 13.60
C CYS B 126 13.01 9.82 12.14
N PRO B 127 13.04 11.08 11.67
CA PRO B 127 13.37 11.37 10.29
C PRO B 127 14.69 10.68 9.93
N ARG B 128 14.71 9.99 8.79
CA ARG B 128 15.90 9.27 8.30
C ARG B 128 16.38 8.16 9.24
N GLY B 129 15.54 7.77 10.18
CA GLY B 129 15.89 6.72 11.14
C GLY B 129 16.97 7.13 12.13
N SER B 130 17.08 8.44 12.37
CA SER B 130 18.11 8.98 13.28
C SER B 130 17.48 10.01 14.21
N THR B 131 18.10 10.22 15.37
CA THR B 131 17.74 11.35 16.23
C THR B 131 18.16 12.66 15.53
N PRO B 132 17.49 13.78 15.86
CA PRO B 132 16.44 13.91 16.86
C PRO B 132 15.09 13.36 16.41
N CYS B 133 14.39 12.73 17.34
CA CYS B 133 13.05 12.16 17.06
C CYS B 133 12.00 13.08 17.64
N ARG B 134 10.83 13.13 16.99
CA ARG B 134 9.74 13.97 17.45
C ARG B 134 8.68 13.11 18.12
N ASP B 135 8.21 13.55 19.28
CA ASP B 135 7.13 12.84 19.95
C ASP B 135 5.85 12.91 19.13
N VAL B 136 5.15 11.79 19.07
CA VAL B 136 3.84 11.73 18.41
C VAL B 136 2.74 12.01 19.46
N GLY B 137 1.87 12.98 19.17
CA GLY B 137 0.75 13.27 20.01
C GLY B 137 -0.51 13.59 19.25
N ILE B 138 -1.53 14.05 19.97
CA ILE B 138 -2.83 14.30 19.35
C ILE B 138 -2.96 15.78 19.04
N GLU B 139 -3.43 16.10 17.84
CA GLU B 139 -3.68 17.47 17.41
C GLU B 139 -5.11 17.60 16.89
N THR B 140 -5.60 18.84 16.81
CA THR B 140 -6.95 19.10 16.31
C THR B 140 -7.02 20.12 15.18
N VAL B 141 -6.01 20.99 15.05
CA VAL B 141 -6.11 22.10 14.08
C VAL B 141 -6.26 21.55 12.67
N GLY B 142 -7.26 22.06 11.95
CA GLY B 142 -7.50 21.62 10.59
C GLY B 142 -8.17 20.26 10.48
N GLY B 143 -8.45 19.62 11.62
CA GLY B 143 -8.99 18.27 11.66
C GLY B 143 -10.49 18.13 11.51
N GLY B 144 -11.18 19.27 11.35
CA GLY B 144 -12.63 19.31 11.23
C GLY B 144 -13.38 18.60 12.35
N GLY B 145 -12.88 18.74 13.57
CA GLY B 145 -13.54 18.16 14.75
C GLY B 145 -12.87 16.89 15.24
N ARG B 146 -12.09 16.29 14.36
CA ARG B 146 -11.40 15.06 14.69
C ARG B 146 -10.03 15.34 15.31
N ARG B 147 -9.55 14.34 16.04
CA ARG B 147 -8.25 14.41 16.70
C ARG B 147 -7.34 13.42 15.96
N TYR B 148 -6.19 13.90 15.52
CA TYR B 148 -5.33 13.08 14.64
C TYR B 148 -3.94 13.03 15.22
N LEU B 149 -3.21 11.97 14.89
CA LEU B 149 -1.83 11.83 15.37
C LEU B 149 -0.86 12.66 14.55
N ALA B 150 0.12 13.25 15.23
CA ALA B 150 1.09 14.13 14.55
C ALA B 150 2.37 14.21 15.36
N PRO B 151 3.54 14.24 14.68
CA PRO B 151 4.84 14.30 15.38
C PRO B 151 5.22 15.74 15.64
N ARG B 152 4.66 16.30 16.71
CA ARG B 152 4.83 17.74 17.01
C ARG B 152 5.45 17.98 18.38
N ASP B 153 6.10 16.94 18.92
CA ASP B 153 6.89 17.04 20.15
C ASP B 153 6.03 17.26 21.40
N ARG B 154 4.76 16.89 21.33
CA ARG B 154 3.91 16.83 22.50
C ARG B 154 3.39 15.39 22.68
N PRO B 155 4.00 14.60 23.58
CA PRO B 155 3.73 13.16 23.56
C PRO B 155 2.35 12.79 24.07
N LEU B 156 1.74 11.84 23.39
CA LEU B 156 0.55 11.20 23.90
C LEU B 156 1.03 9.93 24.61
N ALA B 157 0.69 9.79 25.89
CA ALA B 157 1.00 8.55 26.62
C ALA B 157 0.08 7.46 26.12
N VAL B 158 0.67 6.34 25.72
CA VAL B 158 -0.08 5.22 25.14
C VAL B 158 0.17 3.91 25.85
N ARG B 159 -0.77 2.99 25.68
CA ARG B 159 -0.67 1.61 26.10
C ARG B 159 -0.99 0.74 24.89
N PHE B 160 -0.53 -0.50 24.94
CA PHE B 160 -0.77 -1.43 23.83
C PHE B 160 -1.59 -2.59 24.34
N THR B 161 -2.64 -2.94 23.61
CA THR B 161 -3.44 -4.14 23.94
C THR B 161 -3.26 -5.14 22.83
N ARG B 162 -2.79 -6.34 23.17
CA ARG B 162 -2.72 -7.40 22.15
C ARG B 162 -4.09 -7.64 21.52
N ALA B 163 -4.11 -7.71 20.19
CA ALA B 163 -5.35 -7.81 19.45
C ALA B 163 -5.63 -9.29 19.15
N SER B 164 -4.57 -10.10 19.23
CA SER B 164 -4.57 -11.54 18.90
C SER B 164 -5.31 -11.89 17.62
#